data_2XPO
#
_entry.id   2XPO
#
_cell.length_a   112.578
_cell.length_b   112.578
_cell.length_c   51.481
_cell.angle_alpha   90.00
_cell.angle_beta   90.00
_cell.angle_gamma   120.00
#
_symmetry.space_group_name_H-M   'P 65'
#
loop_
_entity.id
_entity.type
_entity.pdbx_description
1 polymer IWS1
2 polymer 'CHROMATIN STRUCTURE MODULATOR'
3 non-polymer 'CHLORIDE ION'
4 water water
#
loop_
_entity_poly.entity_id
_entity_poly.type
_entity_poly.pdbx_seq_one_letter_code
_entity_poly.pdbx_strand_id
1 'polypeptide(L)'
;MDPGTVLEISRSLKKRMQDILKKDNANNLEGRPATGKIENVEEISDILMSKALQESLLDEGILDEIKGWLEPLPDKSMPN
IKIRKRLLDVLKTMKIHKEHLVTSGVGKIVYFYSINPKESKEVRASAKALVQKWTNEVFKPEGGD
;
A,C
2 'polypeptide(L)' GSHMFFEIFGTGEEYRYVLESDP B,D
#
loop_
_chem_comp.id
_chem_comp.type
_chem_comp.name
_chem_comp.formula
CL non-polymer 'CHLORIDE ION' 'Cl -1'
#
# COMPACT_ATOMS: atom_id res chain seq x y z
N MET A 1 -21.07 -13.87 -6.69
CA MET A 1 -20.78 -14.23 -5.28
C MET A 1 -21.96 -15.02 -4.68
N ASP A 2 -21.67 -15.98 -3.79
CA ASP A 2 -22.68 -16.46 -2.82
C ASP A 2 -22.86 -15.29 -1.82
N PRO A 3 -24.12 -14.93 -1.50
CA PRO A 3 -24.40 -13.73 -0.72
C PRO A 3 -23.77 -13.70 0.69
N GLY A 4 -23.53 -14.88 1.27
CA GLY A 4 -22.89 -14.98 2.61
C GLY A 4 -21.37 -14.80 2.72
N THR A 5 -20.68 -14.88 1.60
CA THR A 5 -19.19 -14.86 1.57
C THR A 5 -18.59 -13.61 2.18
N VAL A 6 -19.09 -12.41 1.86
CA VAL A 6 -18.55 -11.16 2.43
C VAL A 6 -18.51 -11.18 3.98
N LEU A 7 -19.68 -11.44 4.61
CA LEU A 7 -19.80 -11.49 6.08
C LEU A 7 -18.92 -12.61 6.69
N GLU A 8 -18.90 -13.79 6.07
CA GLU A 8 -18.06 -14.91 6.51
C GLU A 8 -16.58 -14.49 6.52
N ILE A 9 -16.14 -13.91 5.40
CA ILE A 9 -14.73 -13.48 5.37
C ILE A 9 -14.48 -12.40 6.43
N SER A 10 -15.39 -11.44 6.53
CA SER A 10 -15.21 -10.33 7.47
C SER A 10 -15.17 -10.86 8.90
N ARG A 11 -16.07 -11.79 9.24
CA ARG A 11 -16.12 -12.34 10.59
C ARG A 11 -14.86 -13.14 10.89
N SER A 12 -14.46 -13.95 9.92
CA SER A 12 -13.25 -14.70 10.08
C SER A 12 -12.00 -13.83 10.32
N LEU A 13 -11.93 -12.68 9.67
CA LEU A 13 -10.76 -11.84 9.83
C LEU A 13 -10.74 -11.21 11.22
N LYS A 14 -11.90 -10.76 11.71
CA LYS A 14 -11.98 -10.22 13.08
C LYS A 14 -11.45 -11.26 14.07
N LYS A 15 -11.93 -12.49 13.97
CA LYS A 15 -11.50 -13.54 14.90
C LYS A 15 -9.98 -13.74 14.79
N ARG A 16 -9.46 -13.81 13.57
CA ARG A 16 -8.02 -14.01 13.33
C ARG A 16 -7.19 -12.86 13.95
N MET A 17 -7.60 -11.61 13.68
CA MET A 17 -6.91 -10.48 14.32
C MET A 17 -6.91 -10.54 15.85
N GLN A 18 -8.04 -10.95 16.47
CA GLN A 18 -8.11 -11.05 17.92
C GLN A 18 -7.16 -12.17 18.40
N ASP A 19 -7.13 -13.28 17.64
CA ASP A 19 -6.37 -14.45 18.03
C ASP A 19 -4.89 -14.13 17.95
N ILE A 20 -4.48 -13.43 16.89
CA ILE A 20 -3.09 -13.10 16.74
C ILE A 20 -2.64 -12.17 17.86
N LEU A 21 -3.47 -11.19 18.21
CA LEU A 21 -3.14 -10.22 19.22
C LEU A 21 -2.96 -10.92 20.55
N LYS A 22 -3.90 -11.81 20.88
CA LYS A 22 -3.88 -12.46 22.16
C LYS A 22 -2.65 -13.34 22.28
N LYS A 23 -2.26 -14.01 21.17
CA LYS A 23 -1.12 -14.94 21.15
C LYS A 23 0.22 -14.15 21.29
N ASP A 24 0.36 -13.06 20.55
CA ASP A 24 1.53 -12.19 20.65
C ASP A 24 1.64 -11.52 22.04
N ASN A 25 0.52 -11.09 22.63
CA ASN A 25 0.59 -10.48 23.94
C ASN A 25 1.04 -11.50 25.00
N ALA A 26 0.52 -12.72 24.91
CA ALA A 26 0.88 -13.80 25.86
C ALA A 26 2.35 -14.18 25.70
N ASN A 27 2.82 -14.34 24.46
CA ASN A 27 4.24 -14.59 24.20
C ASN A 27 5.13 -13.44 24.72
N ASN A 28 4.73 -12.20 24.47
CA ASN A 28 5.44 -11.05 25.01
C ASN A 28 5.54 -11.06 26.53
N LEU A 29 4.41 -11.25 27.21
CA LEU A 29 4.45 -11.39 28.66
C LEU A 29 5.30 -12.55 29.17
N GLU A 30 5.46 -13.59 28.34
CA GLU A 30 6.24 -14.77 28.74
C GLU A 30 7.72 -14.64 28.33
N GLY A 31 8.07 -13.46 27.79
CA GLY A 31 9.41 -13.17 27.24
C GLY A 31 9.83 -14.10 26.13
N ARG A 32 8.87 -14.48 25.29
CA ARG A 32 9.07 -15.31 24.10
C ARG A 32 8.91 -14.47 22.81
N PRO A 33 9.49 -14.94 21.70
CA PRO A 33 9.20 -14.30 20.43
C PRO A 33 7.66 -14.14 20.20
N ALA A 34 7.24 -12.94 19.76
CA ALA A 34 5.84 -12.65 19.50
C ALA A 34 5.76 -12.01 18.12
N THR A 35 5.87 -12.83 17.09
CA THR A 35 5.96 -12.37 15.71
C THR A 35 4.66 -12.55 14.86
N GLY A 36 3.55 -12.89 15.51
CA GLY A 36 2.24 -13.10 14.82
C GLY A 36 1.77 -11.89 14.00
N LYS A 37 1.84 -10.69 14.58
CA LYS A 37 1.49 -9.48 13.82
C LYS A 37 2.44 -9.22 12.67
N ILE A 38 3.76 -9.31 12.94
CA ILE A 38 4.74 -9.21 11.88
C ILE A 38 4.47 -10.12 10.67
N GLU A 39 4.17 -11.39 10.93
CA GLU A 39 4.06 -12.39 9.88
C GLU A 39 2.74 -12.27 9.11
N ASN A 40 1.70 -11.72 9.77
CA ASN A 40 0.40 -11.69 9.15
C ASN A 40 -0.08 -10.31 8.71
N VAL A 41 0.62 -9.23 9.10
CA VAL A 41 0.12 -7.88 8.82
C VAL A 41 -0.08 -7.60 7.31
N GLU A 42 0.79 -8.11 6.44
CA GLU A 42 0.63 -7.80 5.04
C GLU A 42 -0.67 -8.45 4.49
N GLU A 43 -0.82 -9.77 4.68
CA GLU A 43 -2.01 -10.43 4.12
C GLU A 43 -3.32 -9.91 4.80
N ILE A 44 -3.25 -9.62 6.07
CA ILE A 44 -4.42 -9.06 6.75
C ILE A 44 -4.79 -7.63 6.22
N SER A 45 -3.77 -6.83 5.91
CA SER A 45 -3.99 -5.51 5.33
C SER A 45 -4.62 -5.57 3.96
N ASP A 46 -4.29 -6.60 3.17
CA ASP A 46 -4.92 -6.77 1.85
C ASP A 46 -6.42 -6.97 2.07
N ILE A 47 -6.75 -7.71 3.12
CA ILE A 47 -8.16 -7.97 3.41
C ILE A 47 -8.85 -6.70 3.89
N LEU A 48 -8.22 -5.98 4.79
CA LEU A 48 -8.77 -4.76 5.38
C LEU A 48 -9.03 -3.66 4.35
N MET A 49 -8.20 -3.60 3.31
CA MET A 49 -8.41 -2.64 2.22
C MET A 49 -9.33 -3.07 1.12
N SER A 50 -9.96 -4.23 1.23
CA SER A 50 -10.80 -4.68 0.12
C SER A 50 -12.12 -3.87 0.15
N LYS A 51 -12.43 -3.14 -0.92
CA LYS A 51 -13.64 -2.26 -0.95
C LYS A 51 -14.94 -3.02 -0.70
N ALA A 52 -15.09 -4.18 -1.34
CA ALA A 52 -16.28 -4.99 -1.10
C ALA A 52 -16.47 -5.40 0.38
N LEU A 53 -15.41 -5.36 1.18
CA LEU A 53 -15.53 -5.81 2.56
C LEU A 53 -15.70 -4.66 3.56
N GLN A 54 -15.46 -3.42 3.12
CA GLN A 54 -15.39 -2.26 4.06
C GLN A 54 -16.58 -2.10 5.01
N GLU A 55 -17.79 -2.08 4.47
CA GLU A 55 -18.99 -1.89 5.30
C GLU A 55 -19.15 -3.01 6.32
N SER A 56 -19.00 -4.28 5.92
CA SER A 56 -19.14 -5.34 6.93
C SER A 56 -17.96 -5.38 7.94
N LEU A 57 -16.75 -5.08 7.49
CA LEU A 57 -15.61 -4.98 8.39
C LEU A 57 -15.89 -3.90 9.44
N LEU A 58 -16.24 -2.70 8.97
CA LEU A 58 -16.53 -1.57 9.86
C LEU A 58 -17.73 -1.89 10.78
N ASP A 59 -18.80 -2.49 10.22
CA ASP A 59 -19.99 -2.80 11.03
C ASP A 59 -19.70 -3.78 12.17
N GLU A 60 -18.74 -4.67 11.98
CA GLU A 60 -18.40 -5.67 12.99
C GLU A 60 -17.29 -5.19 13.96
N GLY A 61 -16.93 -3.91 13.88
CA GLY A 61 -16.01 -3.33 14.85
C GLY A 61 -14.56 -3.64 14.56
N ILE A 62 -14.21 -3.85 13.29
CA ILE A 62 -12.81 -4.19 12.98
C ILE A 62 -11.84 -3.09 13.49
N LEU A 63 -12.30 -1.86 13.61
CA LEU A 63 -11.46 -0.81 14.17
C LEU A 63 -10.90 -1.13 15.55
N ASP A 64 -11.61 -1.92 16.35
CA ASP A 64 -11.17 -2.29 17.69
C ASP A 64 -9.93 -3.15 17.51
N GLU A 65 -9.95 -4.04 16.53
CA GLU A 65 -8.78 -4.90 16.29
C GLU A 65 -7.60 -4.13 15.71
N ILE A 66 -7.87 -3.23 14.79
CA ILE A 66 -6.80 -2.39 14.27
C ILE A 66 -6.17 -1.54 15.41
N LYS A 67 -6.99 -0.97 16.30
CA LYS A 67 -6.47 -0.26 17.50
C LYS A 67 -5.56 -1.22 18.33
N GLY A 68 -6.04 -2.42 18.64
CA GLY A 68 -5.27 -3.34 19.49
C GLY A 68 -3.90 -3.64 18.88
N TRP A 69 -3.86 -3.85 17.56
CA TRP A 69 -2.61 -4.12 16.83
C TRP A 69 -1.61 -2.98 16.83
N LEU A 70 -2.13 -1.76 16.98
CA LEU A 70 -1.31 -0.56 17.05
C LEU A 70 -0.86 -0.17 18.47
N GLU A 71 -1.53 -0.73 19.48
CA GLU A 71 -1.31 -0.33 20.87
C GLU A 71 0.02 -0.89 21.39
N PRO A 72 0.60 -0.25 22.45
CA PRO A 72 1.83 -0.73 23.02
C PRO A 72 1.71 -2.23 23.41
N LEU A 73 2.83 -2.96 23.29
CA LEU A 73 2.88 -4.34 23.79
C LEU A 73 3.02 -4.32 25.28
N PRO A 74 2.81 -5.48 25.93
CA PRO A 74 2.76 -5.55 27.38
C PRO A 74 4.02 -5.08 28.06
N ASP A 75 5.18 -5.20 27.40
CA ASP A 75 6.43 -4.66 27.99
C ASP A 75 6.57 -3.19 27.66
N LYS A 76 5.50 -2.58 27.10
CA LYS A 76 5.43 -1.13 26.80
C LYS A 76 6.20 -0.74 25.50
N SER A 77 6.84 -1.72 24.85
CA SER A 77 7.45 -1.41 23.58
C SER A 77 6.33 -1.26 22.54
N MET A 78 6.62 -0.68 21.38
CA MET A 78 5.59 -0.54 20.33
C MET A 78 5.67 -1.69 19.33
N PRO A 79 4.55 -2.01 18.66
CA PRO A 79 4.60 -3.02 17.59
C PRO A 79 5.63 -2.62 16.49
N ASN A 80 6.22 -3.63 15.83
CA ASN A 80 7.23 -3.46 14.81
C ASN A 80 6.78 -2.42 13.78
N ILE A 81 7.74 -1.69 13.21
CA ILE A 81 7.51 -0.53 12.37
C ILE A 81 6.63 -0.83 11.11
N LYS A 82 6.78 -2.01 10.51
CA LYS A 82 5.98 -2.36 9.35
C LYS A 82 4.52 -2.44 9.71
N ILE A 83 4.19 -2.91 10.91
CA ILE A 83 2.80 -2.95 11.38
C ILE A 83 2.29 -1.51 11.51
N ARG A 84 3.09 -0.65 12.15
CA ARG A 84 2.66 0.73 12.39
C ARG A 84 2.38 1.37 11.00
N LYS A 85 3.31 1.19 10.04
CA LYS A 85 3.14 1.81 8.74
C LYS A 85 1.98 1.23 7.91
N ARG A 86 1.90 -0.11 7.85
CA ARG A 86 0.85 -0.74 7.04
C ARG A 86 -0.54 -0.40 7.61
N LEU A 87 -0.70 -0.41 8.94
CA LEU A 87 -2.05 -0.19 9.51
C LEU A 87 -2.50 1.29 9.43
N LEU A 88 -1.55 2.21 9.57
CA LEU A 88 -1.83 3.64 9.30
C LEU A 88 -2.34 3.82 7.85
N ASP A 89 -1.69 3.13 6.92
CA ASP A 89 -2.10 3.15 5.54
C ASP A 89 -3.52 2.57 5.32
N VAL A 90 -3.77 1.43 5.91
CA VAL A 90 -5.11 0.86 5.92
C VAL A 90 -6.12 1.90 6.38
N LEU A 91 -5.87 2.49 7.54
CA LEU A 91 -6.75 3.49 8.09
C LEU A 91 -6.98 4.68 7.17
N LYS A 92 -5.93 5.18 6.53
CA LYS A 92 -6.05 6.26 5.55
C LYS A 92 -6.97 5.82 4.38
N THR A 93 -6.89 4.55 4.02
CA THR A 93 -7.65 4.00 2.90
C THR A 93 -9.13 3.83 3.18
N MET A 94 -9.45 3.33 4.36
CA MET A 94 -10.86 3.07 4.69
C MET A 94 -11.67 4.36 4.76
N LYS A 95 -12.94 4.27 4.37
CA LYS A 95 -13.86 5.41 4.52
C LYS A 95 -14.49 5.17 5.89
N ILE A 96 -14.09 5.94 6.87
CA ILE A 96 -14.52 5.72 8.24
C ILE A 96 -15.37 6.90 8.71
N HIS A 97 -16.58 6.63 9.20
CA HIS A 97 -17.40 7.73 9.68
C HIS A 97 -17.14 8.02 11.14
N LYS A 98 -17.45 9.26 11.54
CA LYS A 98 -17.02 9.71 12.85
C LYS A 98 -17.51 8.79 13.98
N GLU A 99 -18.71 8.21 13.86
CA GLU A 99 -19.28 7.47 15.00
C GLU A 99 -18.44 6.23 15.26
N HIS A 100 -17.96 5.58 14.18
CA HIS A 100 -17.04 4.43 14.30
C HIS A 100 -15.69 4.81 14.91
N LEU A 101 -15.22 6.03 14.66
CA LEU A 101 -13.99 6.50 15.35
C LEU A 101 -14.30 6.61 16.82
N VAL A 102 -15.46 7.16 17.15
CA VAL A 102 -15.84 7.32 18.55
C VAL A 102 -15.95 6.00 19.28
N THR A 103 -16.72 5.05 18.75
CA THR A 103 -16.97 3.82 19.48
C THR A 103 -15.71 2.99 19.58
N SER A 104 -14.82 3.07 18.55
CA SER A 104 -13.66 2.21 18.52
C SER A 104 -12.50 2.77 19.38
N GLY A 105 -12.38 4.08 19.54
CA GLY A 105 -11.27 4.66 20.29
C GLY A 105 -9.97 4.61 19.46
N VAL A 106 -10.04 4.22 18.18
CA VAL A 106 -8.84 4.13 17.34
C VAL A 106 -8.13 5.50 17.13
N GLY A 107 -8.85 6.60 17.24
CA GLY A 107 -8.25 7.93 17.18
C GLY A 107 -7.21 8.17 18.27
N LYS A 108 -7.42 7.56 19.43
CA LYS A 108 -6.52 7.80 20.59
C LYS A 108 -5.11 7.25 20.35
N ILE A 109 -5.03 6.04 19.78
CA ILE A 109 -3.71 5.46 19.50
C ILE A 109 -3.06 6.18 18.29
N VAL A 110 -3.86 6.56 17.30
CA VAL A 110 -3.33 7.31 16.13
C VAL A 110 -2.84 8.70 16.60
N TYR A 111 -3.62 9.33 17.48
CA TYR A 111 -3.19 10.61 18.07
C TYR A 111 -1.85 10.43 18.82
N PHE A 112 -1.74 9.38 19.63
CA PHE A 112 -0.47 9.11 20.31
C PHE A 112 0.70 8.98 19.30
N TYR A 113 0.51 8.26 18.20
CA TYR A 113 1.60 8.11 17.27
C TYR A 113 1.99 9.50 16.75
N SER A 114 1.03 10.41 16.63
CA SER A 114 1.31 11.73 16.07
C SER A 114 2.15 12.64 16.98
N ILE A 115 2.14 12.38 18.28
CA ILE A 115 2.86 13.23 19.23
C ILE A 115 4.00 12.46 19.93
N ASN A 116 4.18 11.20 19.57
CA ASN A 116 5.19 10.40 20.25
C ASN A 116 6.59 10.79 19.79
N PRO A 117 7.40 11.45 20.65
CA PRO A 117 8.73 11.92 20.21
C PRO A 117 9.71 10.79 19.87
N LYS A 118 9.44 9.58 20.38
CA LYS A 118 10.28 8.42 20.09
C LYS A 118 9.93 7.72 18.77
N GLU A 119 8.87 8.22 18.11
CA GLU A 119 8.39 7.59 16.88
C GLU A 119 9.20 8.07 15.63
N SER A 120 9.23 7.28 14.56
CA SER A 120 10.05 7.68 13.38
C SER A 120 9.33 8.86 12.77
N LYS A 121 10.07 9.70 12.04
CA LYS A 121 9.49 10.88 11.43
C LYS A 121 8.37 10.53 10.46
N GLU A 122 8.55 9.49 9.66
CA GLU A 122 7.55 9.14 8.61
C GLU A 122 6.24 8.65 9.23
N VAL A 123 6.35 7.84 10.28
CA VAL A 123 5.15 7.30 10.96
C VAL A 123 4.42 8.45 11.66
N ARG A 124 5.21 9.34 12.30
CA ARG A 124 4.60 10.44 13.03
C ARG A 124 3.88 11.37 12.04
N ALA A 125 4.47 11.64 10.88
CA ALA A 125 3.80 12.43 9.85
C ALA A 125 2.54 11.78 9.30
N SER A 126 2.56 10.45 9.11
CA SER A 126 1.39 9.76 8.61
C SER A 126 0.27 9.83 9.61
N ALA A 127 0.59 9.70 10.91
CA ALA A 127 -0.44 9.77 11.95
C ALA A 127 -1.05 11.17 12.03
N LYS A 128 -0.20 12.18 11.90
CA LYS A 128 -0.64 13.54 11.90
C LYS A 128 -1.60 13.83 10.72
N ALA A 129 -1.29 13.32 9.52
CA ALA A 129 -2.20 13.55 8.38
C ALA A 129 -3.53 12.82 8.61
N LEU A 130 -3.47 11.69 9.32
CA LEU A 130 -4.67 10.95 9.65
C LEU A 130 -5.51 11.72 10.69
N VAL A 131 -4.87 12.28 11.71
CA VAL A 131 -5.60 13.09 12.70
C VAL A 131 -6.30 14.27 11.98
N GLN A 132 -5.55 14.97 11.14
CA GLN A 132 -6.11 16.08 10.42
C GLN A 132 -7.27 15.65 9.53
N LYS A 133 -7.05 14.56 8.76
CA LYS A 133 -8.09 14.08 7.88
C LYS A 133 -9.34 13.70 8.69
N TRP A 134 -9.16 12.91 9.74
CA TRP A 134 -10.33 12.62 10.55
C TRP A 134 -10.98 13.83 11.22
N THR A 135 -10.17 14.78 11.67
CA THR A 135 -10.72 16.01 12.25
C THR A 135 -11.58 16.77 11.24
N ASN A 136 -11.13 16.82 9.97
CA ASN A 136 -11.96 17.43 8.91
C ASN A 136 -13.27 16.72 8.66
N GLU A 137 -13.31 15.41 8.85
CA GLU A 137 -14.52 14.66 8.61
C GLU A 137 -15.49 14.82 9.77
N VAL A 138 -14.94 15.00 10.96
CA VAL A 138 -15.73 15.18 12.18
C VAL A 138 -16.55 16.47 12.18
N PHE A 139 -15.97 17.58 11.71
CA PHE A 139 -16.57 18.93 11.86
C PHE A 139 -17.19 19.58 10.60
N PHE B 5 -13.27 16.82 20.27
CA PHE B 5 -11.93 16.41 19.78
C PHE B 5 -11.41 15.28 20.66
N PHE B 6 -11.35 15.51 21.98
CA PHE B 6 -10.91 14.49 22.94
C PHE B 6 -11.74 13.19 22.93
N GLU B 7 -13.03 13.29 22.57
CA GLU B 7 -13.92 12.11 22.42
C GLU B 7 -13.39 11.11 21.36
N ILE B 8 -12.81 11.66 20.29
CA ILE B 8 -12.26 10.88 19.19
C ILE B 8 -10.80 10.60 19.49
N PHE B 9 -10.05 11.62 19.91
CA PHE B 9 -8.59 11.45 20.02
C PHE B 9 -7.99 11.35 21.44
N GLY B 10 -8.82 11.57 22.47
CA GLY B 10 -8.34 11.56 23.82
C GLY B 10 -7.58 12.84 24.17
N THR B 11 -6.89 12.83 25.30
CA THR B 11 -6.25 14.04 25.84
C THR B 11 -4.80 14.02 25.42
N GLY B 12 -4.36 12.82 25.01
CA GLY B 12 -2.97 12.54 24.74
C GLY B 12 -2.26 11.93 25.92
N GLU B 13 -2.98 11.68 27.02
CA GLU B 13 -2.39 11.05 28.23
C GLU B 13 -2.49 9.51 28.23
N GLU B 14 -3.48 8.98 27.51
CA GLU B 14 -3.82 7.54 27.45
C GLU B 14 -2.62 6.62 27.26
N TYR B 15 -1.63 7.00 26.45
CA TYR B 15 -0.52 6.06 26.17
C TYR B 15 0.80 6.59 26.65
N ARG B 16 0.78 7.72 27.35
CA ARG B 16 1.99 8.41 27.81
C ARG B 16 2.98 7.53 28.60
N TYR B 17 2.43 6.60 29.38
CA TYR B 17 3.23 5.66 30.16
C TYR B 17 4.37 5.02 29.34
N VAL B 18 4.16 4.92 28.02
CA VAL B 18 5.14 4.43 27.03
C VAL B 18 6.48 5.18 27.03
N LEU B 19 6.47 6.46 27.40
CA LEU B 19 7.65 7.33 27.31
C LEU B 19 8.49 7.33 28.60
N MET C 1 25.57 -3.24 7.84
CA MET C 1 24.98 -3.91 6.65
C MET C 1 26.12 -4.00 5.65
N ASP C 2 26.20 -5.10 4.88
CA ASP C 2 27.25 -5.20 3.82
C ASP C 2 26.94 -4.13 2.76
N PRO C 3 27.96 -3.33 2.38
CA PRO C 3 27.76 -2.21 1.42
C PRO C 3 27.18 -2.59 0.05
N GLY C 4 27.38 -3.83 -0.37
CA GLY C 4 26.88 -4.28 -1.68
C GLY C 4 25.47 -4.85 -1.72
N THR C 5 24.84 -5.01 -0.55
CA THR C 5 23.52 -5.61 -0.47
C THR C 5 22.46 -4.81 -1.23
N VAL C 6 22.46 -3.49 -1.06
CA VAL C 6 21.43 -2.65 -1.65
C VAL C 6 21.46 -2.83 -3.18
N LEU C 7 22.65 -2.71 -3.78
CA LEU C 7 22.82 -2.80 -5.24
C LEU C 7 22.50 -4.22 -5.75
N GLU C 8 22.92 -5.24 -5.00
CA GLU C 8 22.64 -6.62 -5.37
C GLU C 8 21.14 -6.90 -5.44
N ILE C 9 20.40 -6.45 -4.43
CA ILE C 9 18.95 -6.70 -4.38
C ILE C 9 18.26 -5.89 -5.49
N SER C 10 18.73 -4.66 -5.68
CA SER C 10 18.19 -3.84 -6.76
C SER C 10 18.40 -4.48 -8.13
N ARG C 11 19.62 -4.96 -8.42
CA ARG C 11 19.92 -5.66 -9.68
C ARG C 11 19.09 -6.95 -9.84
N SER C 12 18.99 -7.69 -8.76
CA SER C 12 18.21 -8.91 -8.79
C SER C 12 16.71 -8.64 -9.11
N LEU C 13 16.14 -7.57 -8.54
CA LEU C 13 14.73 -7.29 -8.80
C LEU C 13 14.49 -6.91 -10.27
N LYS C 14 15.39 -6.10 -10.84
CA LYS C 14 15.32 -5.71 -12.23
C LYS C 14 15.30 -6.98 -13.09
N LYS C 15 16.24 -7.91 -12.88
CA LYS C 15 16.27 -9.12 -13.70
C LYS C 15 14.94 -9.93 -13.55
N ARG C 16 14.47 -10.02 -12.30
CA ARG C 16 13.25 -10.76 -11.96
C ARG C 16 12.06 -10.12 -12.72
N MET C 17 11.94 -8.80 -12.67
CA MET C 17 10.87 -8.13 -13.37
C MET C 17 10.94 -8.39 -14.87
N GLN C 18 12.15 -8.33 -15.45
CA GLN C 18 12.32 -8.63 -16.88
C GLN C 18 11.96 -10.09 -17.21
N ASP C 19 12.43 -11.04 -16.40
CA ASP C 19 12.14 -12.43 -16.69
C ASP C 19 10.63 -12.73 -16.61
N ILE C 20 9.96 -12.26 -15.55
CA ILE C 20 8.49 -12.42 -15.39
C ILE C 20 7.74 -11.87 -16.58
N LEU C 21 8.11 -10.67 -17.01
CA LEU C 21 7.44 -10.03 -18.15
C LEU C 21 7.65 -10.83 -19.43
N LYS C 22 8.87 -11.32 -19.64
CA LYS C 22 9.11 -12.11 -20.86
C LYS C 22 8.28 -13.40 -20.88
N LYS C 23 8.32 -14.11 -19.76
CA LYS C 23 7.58 -15.37 -19.60
C LYS C 23 6.06 -15.17 -19.79
N ASP C 24 5.51 -14.13 -19.15
CA ASP C 24 4.08 -13.85 -19.28
C ASP C 24 3.71 -13.53 -20.75
N ASN C 25 4.54 -12.72 -21.40
CA ASN C 25 4.31 -12.35 -22.79
C ASN C 25 4.36 -13.57 -23.71
N ALA C 26 5.36 -14.45 -23.51
CA ALA C 26 5.46 -15.72 -24.30
C ALA C 26 4.25 -16.60 -24.11
N ASN C 27 3.88 -16.83 -22.87
CA ASN C 27 2.67 -17.59 -22.55
C ASN C 27 1.40 -17.02 -23.13
N ASN C 28 1.27 -15.71 -23.01
CA ASN C 28 0.11 -15.03 -23.57
C ASN C 28 0.00 -15.19 -25.10
N LEU C 29 1.13 -15.02 -25.78
CA LEU C 29 1.19 -15.25 -27.20
C LEU C 29 0.88 -16.71 -27.58
N GLU C 30 1.17 -17.65 -26.68
CA GLU C 30 0.99 -19.10 -26.92
C GLU C 30 -0.39 -19.52 -26.44
N GLY C 31 -1.20 -18.55 -26.01
CA GLY C 31 -2.54 -18.83 -25.52
C GLY C 31 -2.58 -19.68 -24.25
N ARG C 32 -1.58 -19.52 -23.38
CA ARG C 32 -1.50 -20.23 -22.10
C ARG C 32 -1.68 -19.28 -20.93
N PRO C 33 -2.03 -19.82 -19.74
CA PRO C 33 -2.03 -18.95 -18.54
C PRO C 33 -0.71 -18.13 -18.42
N ALA C 34 -0.86 -16.84 -18.12
CA ALA C 34 0.29 -15.97 -17.92
C ALA C 34 0.10 -15.21 -16.62
N THR C 35 0.34 -15.87 -15.50
CA THR C 35 0.03 -15.31 -14.19
C THR C 35 1.27 -14.84 -13.40
N GLY C 36 2.42 -14.74 -14.06
CA GLY C 36 3.67 -14.39 -13.30
C GLY C 36 3.53 -13.02 -12.59
N LYS C 37 3.04 -12.00 -13.31
CA LYS C 37 2.84 -10.68 -12.73
C LYS C 37 1.78 -10.72 -11.65
N ILE C 38 0.69 -11.44 -11.91
CA ILE C 38 -0.33 -11.62 -10.86
C ILE C 38 0.27 -12.15 -9.56
N GLU C 39 1.09 -13.20 -9.64
CA GLU C 39 1.51 -13.89 -8.46
C GLU C 39 2.61 -13.15 -7.75
N ASN C 40 3.36 -12.30 -8.48
CA ASN C 40 4.55 -11.69 -7.93
C ASN C 40 4.43 -10.21 -7.68
N VAL C 41 3.37 -9.57 -8.20
CA VAL C 41 3.21 -8.11 -8.07
C VAL C 41 3.31 -7.60 -6.60
N GLU C 42 2.70 -8.28 -5.63
CA GLU C 42 2.69 -7.75 -4.26
C GLU C 42 4.11 -7.75 -3.64
N GLU C 43 4.79 -8.89 -3.71
CA GLU C 43 6.19 -9.01 -3.19
C GLU C 43 7.12 -8.05 -3.95
N ILE C 44 6.98 -7.97 -5.25
CA ILE C 44 7.76 -7.05 -6.04
C ILE C 44 7.50 -5.57 -5.64
N SER C 45 6.24 -5.20 -5.42
CA SER C 45 5.89 -3.87 -4.91
C SER C 45 6.48 -3.53 -3.56
N ASP C 46 6.52 -4.49 -2.65
CA ASP C 46 7.18 -4.29 -1.37
C ASP C 46 8.64 -3.84 -1.60
N ILE C 47 9.35 -4.52 -2.51
CA ILE C 47 10.72 -4.14 -2.81
C ILE C 47 10.80 -2.74 -3.47
N LEU C 48 9.99 -2.51 -4.50
CA LEU C 48 9.93 -1.21 -5.20
C LEU C 48 9.74 -0.04 -4.26
N MET C 49 8.97 -0.23 -3.20
CA MET C 49 8.72 0.86 -2.26
C MET C 49 9.68 0.93 -1.10
N SER C 50 10.75 0.17 -1.12
CA SER C 50 11.67 0.19 0.01
C SER C 50 12.56 1.46 -0.12
N LYS C 51 12.48 2.38 0.86
CA LYS C 51 13.17 3.67 0.77
C LYS C 51 14.69 3.53 0.53
N ALA C 52 15.31 2.63 1.28
CA ALA C 52 16.73 2.38 1.15
C ALA C 52 17.13 1.93 -0.27
N LEU C 53 16.17 1.41 -1.03
CA LEU C 53 16.51 0.90 -2.37
C LEU C 53 16.26 1.91 -3.50
N GLN C 54 15.57 3.00 -3.18
CA GLN C 54 15.00 3.91 -4.20
C GLN C 54 16.01 4.44 -5.22
N GLU C 55 17.09 4.98 -4.73
CA GLU C 55 18.08 5.63 -5.55
C GLU C 55 18.71 4.61 -6.48
N SER C 56 19.03 3.42 -5.99
CA SER C 56 19.64 2.45 -6.88
C SER C 56 18.62 1.76 -7.81
N LEU C 57 17.36 1.57 -7.38
CA LEU C 57 16.28 1.12 -8.29
C LEU C 57 16.11 2.08 -9.48
N LEU C 58 15.93 3.35 -9.18
CA LEU C 58 15.84 4.35 -10.22
C LEU C 58 17.12 4.42 -11.07
N ASP C 59 18.29 4.38 -10.43
CA ASP C 59 19.54 4.55 -11.16
C ASP C 59 19.67 3.44 -12.19
N GLU C 60 19.20 2.23 -11.83
CA GLU C 60 19.35 1.11 -12.75
C GLU C 60 18.17 1.02 -13.75
N GLY C 61 17.25 1.98 -13.73
CA GLY C 61 16.23 2.07 -14.81
C GLY C 61 15.03 1.18 -14.50
N ILE C 62 14.75 0.95 -13.22
CA ILE C 62 13.61 0.10 -12.87
C ILE C 62 12.29 0.64 -13.47
N LEU C 63 12.23 1.93 -13.78
CA LEU C 63 11.02 2.47 -14.38
C LEU C 63 10.67 1.83 -15.72
N ASP C 64 11.69 1.39 -16.50
CA ASP C 64 11.49 0.65 -17.74
C ASP C 64 10.67 -0.61 -17.45
N GLU C 65 10.99 -1.27 -16.32
CA GLU C 65 10.32 -2.51 -15.95
C GLU C 65 8.92 -2.25 -15.47
N ILE C 66 8.72 -1.22 -14.67
CA ILE C 66 7.37 -0.95 -14.17
C ILE C 66 6.47 -0.61 -15.40
N LYS C 67 7.05 0.15 -16.34
CA LYS C 67 6.32 0.55 -17.56
C LYS C 67 5.91 -0.74 -18.30
N GLY C 68 6.85 -1.67 -18.49
CA GLY C 68 6.50 -2.91 -19.21
C GLY C 68 5.42 -3.73 -18.52
N TRP C 69 5.47 -3.78 -17.17
CA TRP C 69 4.40 -4.45 -16.42
C TRP C 69 3.05 -3.80 -16.58
N LEU C 70 3.04 -2.50 -16.86
CA LEU C 70 1.77 -1.79 -17.03
C LEU C 70 1.22 -1.82 -18.50
N GLU C 71 2.06 -2.19 -19.45
CA GLU C 71 1.73 -2.05 -20.86
C GLU C 71 0.78 -3.16 -21.31
N PRO C 72 0.07 -2.94 -22.44
CA PRO C 72 -0.88 -4.02 -22.83
C PRO C 72 -0.17 -5.36 -23.10
N LEU C 73 -0.88 -6.47 -22.92
CA LEU C 73 -0.32 -7.76 -23.24
C LEU C 73 -0.32 -7.96 -24.78
N PRO C 74 0.38 -9.02 -25.26
CA PRO C 74 0.42 -9.23 -26.70
C PRO C 74 -0.96 -9.34 -27.34
N ASP C 75 -1.95 -9.86 -26.64
CA ASP C 75 -3.30 -9.88 -27.21
C ASP C 75 -4.05 -8.52 -27.11
N LYS C 76 -3.37 -7.44 -26.65
CA LYS C 76 -3.98 -6.08 -26.48
C LYS C 76 -4.91 -5.92 -25.21
N SER C 77 -5.11 -7.00 -24.44
CA SER C 77 -5.75 -6.86 -23.13
C SER C 77 -4.80 -6.13 -22.18
N MET C 78 -5.33 -5.58 -21.08
CA MET C 78 -4.46 -4.91 -20.10
C MET C 78 -4.07 -5.89 -18.99
N PRO C 79 -2.95 -5.61 -18.26
CA PRO C 79 -2.57 -6.41 -17.09
C PRO C 79 -3.73 -6.47 -16.05
N ASN C 80 -3.79 -7.54 -15.24
CA ASN C 80 -4.81 -7.72 -14.21
C ASN C 80 -4.87 -6.44 -13.37
N ILE C 81 -6.08 -6.07 -12.99
CA ILE C 81 -6.40 -4.89 -12.21
C ILE C 81 -5.52 -4.71 -10.95
N LYS C 82 -5.20 -5.78 -10.22
CA LYS C 82 -4.29 -5.64 -9.07
C LYS C 82 -2.91 -5.14 -9.42
N ILE C 83 -2.40 -5.50 -10.59
CA ILE C 83 -1.10 -5.01 -11.06
C ILE C 83 -1.22 -3.51 -11.38
N ARG C 84 -2.31 -3.15 -12.07
CA ARG C 84 -2.53 -1.73 -12.44
C ARG C 84 -2.56 -0.90 -11.15
N LYS C 85 -3.36 -1.33 -10.16
CA LYS C 85 -3.50 -0.57 -8.94
C LYS C 85 -2.19 -0.52 -8.15
N ARG C 86 -1.52 -1.67 -8.01
CA ARG C 86 -0.33 -1.73 -7.17
C ARG C 86 0.78 -0.90 -7.77
N LEU C 87 1.00 -1.01 -9.09
CA LEU C 87 2.11 -0.30 -9.69
C LEU C 87 1.83 1.23 -9.82
N LEU C 88 0.58 1.63 -10.02
CA LEU C 88 0.31 3.06 -9.96
C LEU C 88 0.61 3.56 -8.55
N ASP C 89 0.16 2.82 -7.53
CA ASP C 89 0.46 3.22 -6.17
C ASP C 89 1.99 3.30 -5.86
N VAL C 90 2.73 2.28 -6.28
CA VAL C 90 4.22 2.37 -6.31
C VAL C 90 4.78 3.67 -6.96
N LEU C 91 4.31 3.99 -8.14
CA LEU C 91 4.80 5.19 -8.84
C LEU C 91 4.52 6.48 -8.04
N LYS C 92 3.39 6.49 -7.34
CA LYS C 92 2.99 7.65 -6.57
C LYS C 92 3.92 7.85 -5.35
N THR C 93 4.47 6.77 -4.79
CA THR C 93 5.30 6.88 -3.58
C THR C 93 6.75 7.23 -3.94
N MET C 94 7.19 6.88 -5.15
CA MET C 94 8.56 7.16 -5.55
C MET C 94 8.79 8.64 -5.85
N LYS C 95 9.95 9.15 -5.46
CA LYS C 95 10.35 10.51 -5.80
C LYS C 95 11.05 10.36 -7.14
N ILE C 96 10.38 10.72 -8.21
CA ILE C 96 10.92 10.44 -9.53
C ILE C 96 11.23 11.79 -10.17
N HIS C 97 12.49 12.05 -10.49
CA HIS C 97 12.84 13.28 -11.14
C HIS C 97 12.41 13.32 -12.61
N LYS C 98 12.26 14.51 -13.16
CA LYS C 98 11.96 14.75 -14.59
C LYS C 98 12.63 13.79 -15.58
N GLU C 99 13.97 13.74 -15.51
CA GLU C 99 14.84 13.02 -16.45
C GLU C 99 14.59 11.53 -16.46
N HIS C 100 14.33 10.94 -15.29
CA HIS C 100 13.96 9.54 -15.25
C HIS C 100 12.58 9.20 -15.93
N LEU C 101 11.66 10.17 -15.91
CA LEU C 101 10.38 9.96 -16.58
C LEU C 101 10.62 10.04 -18.08
N VAL C 102 11.44 10.99 -18.49
CA VAL C 102 11.80 11.08 -19.91
C VAL C 102 12.47 9.79 -20.38
N THR C 103 13.51 9.34 -19.67
CA THR C 103 14.31 8.28 -20.22
C THR C 103 13.54 6.95 -20.18
N SER C 104 12.68 6.76 -19.17
CA SER C 104 11.88 5.55 -19.10
C SER C 104 10.63 5.43 -20.01
N GLY C 105 9.95 6.52 -20.33
CA GLY C 105 8.67 6.38 -21.10
C GLY C 105 7.47 6.04 -20.21
N VAL C 106 7.70 5.82 -18.90
CA VAL C 106 6.64 5.38 -18.02
C VAL C 106 5.42 6.36 -18.02
N GLY C 107 5.68 7.66 -18.19
CA GLY C 107 4.65 8.68 -18.30
C GLY C 107 3.67 8.36 -19.41
N LYS C 108 4.14 7.73 -20.47
CA LYS C 108 3.26 7.50 -21.61
C LYS C 108 2.19 6.45 -21.36
N ILE C 109 2.54 5.36 -20.67
CA ILE C 109 1.53 4.33 -20.33
C ILE C 109 0.59 4.83 -19.23
N VAL C 110 1.15 5.57 -18.27
CA VAL C 110 0.30 6.23 -17.26
C VAL C 110 -0.67 7.24 -17.92
N TYR C 111 -0.18 8.04 -18.89
CA TYR C 111 -1.08 8.95 -19.62
C TYR C 111 -2.22 8.18 -20.29
N PHE C 112 -1.88 7.05 -20.90
CA PHE C 112 -2.91 6.21 -21.54
C PHE C 112 -3.94 5.72 -20.49
N TYR C 113 -3.47 5.31 -19.30
CA TYR C 113 -4.44 4.86 -18.26
C TYR C 113 -5.43 5.95 -17.92
N SER C 114 -4.96 7.22 -17.92
CA SER C 114 -5.77 8.35 -17.55
C SER C 114 -6.83 8.63 -18.61
N ILE C 115 -6.62 8.18 -19.85
CA ILE C 115 -7.59 8.48 -20.88
C ILE C 115 -8.30 7.26 -21.41
N ASN C 116 -7.97 6.09 -20.89
CA ASN C 116 -8.53 4.91 -21.47
C ASN C 116 -10.00 4.79 -21.06
N PRO C 117 -10.96 4.88 -22.02
CA PRO C 117 -12.38 4.79 -21.62
C PRO C 117 -12.82 3.41 -21.13
N LYS C 118 -12.03 2.37 -21.41
CA LYS C 118 -12.34 1.02 -20.97
C LYS C 118 -11.80 0.70 -19.60
N GLU C 119 -11.15 1.66 -18.97
CA GLU C 119 -10.47 1.47 -17.69
C GLU C 119 -11.50 1.68 -16.55
N SER C 120 -11.23 1.13 -15.36
CA SER C 120 -12.14 1.33 -14.22
C SER C 120 -11.98 2.78 -13.80
N LYS C 121 -13.03 3.32 -13.18
CA LYS C 121 -13.04 4.70 -12.66
C LYS C 121 -11.89 5.01 -11.71
N GLU C 122 -11.61 4.04 -10.85
CA GLU C 122 -10.60 4.13 -9.79
C GLU C 122 -9.19 4.23 -10.39
N VAL C 123 -8.88 3.33 -11.30
CA VAL C 123 -7.59 3.30 -11.92
C VAL C 123 -7.34 4.57 -12.77
N ARG C 124 -8.36 5.01 -13.50
CA ARG C 124 -8.25 6.21 -14.33
C ARG C 124 -8.00 7.42 -13.42
N ALA C 125 -8.69 7.46 -12.28
CA ALA C 125 -8.50 8.55 -11.29
C ALA C 125 -7.05 8.57 -10.74
N SER C 126 -6.50 7.40 -10.41
CA SER C 126 -5.09 7.29 -9.97
C SER C 126 -4.14 7.72 -11.06
N ALA C 127 -4.37 7.29 -12.29
CA ALA C 127 -3.47 7.67 -13.39
C ALA C 127 -3.53 9.20 -13.57
N LYS C 128 -4.73 9.75 -13.60
CA LYS C 128 -4.89 11.18 -13.74
C LYS C 128 -4.11 11.94 -12.67
N ALA C 129 -4.19 11.48 -11.43
CA ALA C 129 -3.53 12.16 -10.31
C ALA C 129 -2.02 12.08 -10.45
N LEU C 130 -1.53 11.00 -11.03
CA LEU C 130 -0.09 10.85 -11.27
C LEU C 130 0.36 11.79 -12.39
N VAL C 131 -0.43 11.90 -13.46
CA VAL C 131 -0.15 12.84 -14.54
C VAL C 131 -0.05 14.24 -13.96
N GLN C 132 -1.09 14.65 -13.24
CA GLN C 132 -1.09 15.97 -12.65
C GLN C 132 0.10 16.19 -11.71
N LYS C 133 0.38 15.19 -10.87
CA LYS C 133 1.48 15.24 -9.90
C LYS C 133 2.80 15.48 -10.65
N TRP C 134 3.13 14.59 -11.57
CA TRP C 134 4.32 14.79 -12.38
C TRP C 134 4.31 16.12 -13.16
N THR C 135 3.20 16.47 -13.81
CA THR C 135 3.09 17.80 -14.47
C THR C 135 3.47 18.98 -13.52
N ASN C 136 2.90 18.96 -12.30
CA ASN C 136 3.17 19.95 -11.25
C ASN C 136 4.60 20.00 -10.76
N GLU C 137 5.30 18.86 -10.76
CA GLU C 137 6.69 18.81 -10.37
C GLU C 137 7.59 19.37 -11.49
N VAL C 138 7.25 19.04 -12.74
CA VAL C 138 7.98 19.51 -13.93
C VAL C 138 7.79 21.00 -14.30
N PHE C 139 6.60 21.59 -14.08
CA PHE C 139 6.38 23.01 -14.42
C PHE C 139 6.27 23.97 -13.22
N PHE D 5 7.13 17.97 -22.04
CA PHE D 5 5.79 17.38 -21.82
C PHE D 5 5.59 16.17 -22.75
N PHE D 6 5.91 16.34 -24.03
CA PHE D 6 5.65 15.27 -24.98
C PHE D 6 6.65 14.12 -24.81
N GLU D 7 7.90 14.47 -24.50
CA GLU D 7 8.90 13.45 -24.17
C GLU D 7 8.45 12.57 -23.04
N ILE D 8 7.83 13.18 -22.02
CA ILE D 8 7.32 12.46 -20.86
C ILE D 8 6.01 11.71 -21.15
N PHE D 9 5.03 12.41 -21.70
CA PHE D 9 3.71 11.80 -21.78
C PHE D 9 3.28 11.30 -23.17
N GLY D 10 4.01 11.69 -24.22
CA GLY D 10 3.56 11.57 -25.62
C GLY D 10 2.27 12.38 -25.81
N THR D 11 1.42 12.01 -26.75
CA THR D 11 0.17 12.78 -27.00
C THR D 11 -1.08 11.91 -26.92
N GLY D 12 -0.86 10.62 -26.73
CA GLY D 12 -1.95 9.68 -26.68
C GLY D 12 -1.90 8.58 -27.71
N GLU D 13 -0.91 8.61 -28.63
CA GLU D 13 -0.92 7.65 -29.76
C GLU D 13 -0.29 6.26 -29.57
N GLU D 14 0.73 6.15 -28.71
CA GLU D 14 1.45 4.89 -28.48
C GLU D 14 0.54 3.68 -28.19
N TYR D 15 -0.52 3.88 -27.42
CA TYR D 15 -1.28 2.72 -26.97
C TYR D 15 -2.68 2.72 -27.56
N ARG D 16 -2.92 3.61 -28.53
CA ARG D 16 -4.27 3.73 -29.13
C ARG D 16 -4.84 2.42 -29.68
N TYR D 17 -3.98 1.57 -30.25
CA TYR D 17 -4.39 0.25 -30.77
C TYR D 17 -5.21 -0.57 -29.76
N VAL D 18 -4.98 -0.35 -28.47
CA VAL D 18 -5.92 -0.79 -27.45
C VAL D 18 -7.15 0.12 -27.53
CL CL E . 5.32 -6.61 17.01
CL CL F . -1.73 -9.93 -16.19
#